data_3LNT
#
_entry.id   3LNT
#
_cell.length_a   119.620
_cell.length_b   119.620
_cell.length_c   103.670
_cell.angle_alpha   90.00
_cell.angle_beta   90.00
_cell.angle_gamma   120.00
#
_symmetry.space_group_name_H-M   'P 65'
#
loop_
_entity.id
_entity.type
_entity.pdbx_description
1 polymer '2,3-bisphosphoglycerate-dependent phosphoglycerate mutase'
2 non-polymer 'SODIUM ION'
3 non-polymer 'MALONATE ION'
4 non-polymer 1,2-ETHANEDIOL
5 water water
#
_entity_poly.entity_id   1
_entity_poly.type   'polypeptide(L)'
_entity_poly.pdbx_seq_one_letter_code
;SMYKLVLIRHGESTWNKENRFTGWVDVDLTEQGNREARQAGQLLKEAGYTFDIAYTSVLKRAIRTLWHVQDQMDLMYVPV
VHSWRLNERHYGALSGLNKAETAAKYGDEQVLVWRRSYDTPPPALEPGDERAPYADPRYAKVPREQLPLTECLKDTVARV
LPLWNESIAPAVKAGKQVLIAAHGNSLRALIKYLDGISDADIVGLNIPNGVPLVYELDESLTPIRHYYLGDQEAIAKAQA
AVAQQGKSAA
;
_entity_poly.pdbx_strand_id   A,B
#
# COMPACT_ATOMS: atom_id res chain seq x y z
N SER A 1 -10.28 -11.70 27.36
CA SER A 1 -9.28 -11.78 26.24
C SER A 1 -8.33 -10.56 26.23
N MET A 2 -7.14 -10.78 25.69
CA MET A 2 -6.20 -9.68 25.45
C MET A 2 -6.05 -9.42 23.93
N TYR A 3 -6.05 -8.15 23.54
CA TYR A 3 -5.80 -7.78 22.14
C TYR A 3 -4.47 -7.06 22.02
N LYS A 4 -3.77 -7.30 20.93
CA LYS A 4 -2.53 -6.59 20.66
C LYS A 4 -2.71 -5.61 19.50
N LEU A 5 -2.34 -4.34 19.75
CA LEU A 5 -2.43 -3.29 18.73
C LEU A 5 -1.02 -2.72 18.52
N VAL A 6 -0.57 -2.64 17.26
CA VAL A 6 0.78 -2.13 17.00
C VAL A 6 0.66 -0.76 16.35
N LEU A 7 1.42 0.19 16.90
CA LEU A 7 1.54 1.54 16.40
C LEU A 7 3.00 1.76 15.93
N ILE A 8 3.19 2.64 14.94
CA ILE A 8 4.54 3.02 14.56
C ILE A 8 4.51 4.41 13.95
N ARG A 9 5.40 5.25 14.44
CA ARG A 9 5.57 6.55 13.87
C ARG A 9 6.47 6.40 12.65
N HIS A 10 6.25 7.22 11.63
CA HIS A 10 7.07 7.13 10.42
C HIS A 10 8.58 7.19 10.74
N GLY A 11 9.39 6.57 9.88
CA GLY A 11 10.85 6.72 9.97
C GLY A 11 11.24 8.18 9.80
N GLU A 12 12.46 8.50 10.20
CA GLU A 12 12.97 9.88 10.07
C GLU A 12 12.64 10.47 8.70
N SER A 13 12.02 11.64 8.70
CA SER A 13 11.70 12.30 7.45
C SER A 13 12.77 13.34 7.15
N THR A 14 12.78 13.84 5.91
CA THR A 14 13.78 14.85 5.51
C THR A 14 13.68 16.08 6.41
N TRP A 15 12.45 16.52 6.69
CA TRP A 15 12.28 17.70 7.54
C TRP A 15 12.44 17.45 9.04
N ASN A 16 12.22 16.22 9.52
CA ASN A 16 12.73 15.86 10.85
C ASN A 16 14.23 16.14 10.85
N LYS A 17 14.95 15.65 9.83
CA LYS A 17 16.38 15.82 9.79
C LYS A 17 16.80 17.31 9.67
N GLU A 18 16.07 18.09 8.86
CA GLU A 18 16.32 19.52 8.71
C GLU A 18 15.73 20.36 9.84
N ASN A 19 15.08 19.75 10.83
CA ASN A 19 14.55 20.53 11.93
C ASN A 19 13.50 21.58 11.48
N ARG A 20 12.56 21.14 10.62
CA ARG A 20 11.45 21.98 10.11
C ARG A 20 10.09 21.44 10.49
N PHE A 21 9.19 22.36 10.82
CA PHE A 21 7.79 22.04 11.04
C PHE A 21 7.23 21.48 9.74
N THR A 22 6.57 20.34 9.83
CA THR A 22 6.07 19.68 8.62
C THR A 22 4.55 19.74 8.47
N GLY A 23 3.84 19.14 9.44
CA GLY A 23 2.40 19.10 9.44
C GLY A 23 1.94 18.25 8.26
N TRP A 24 1.08 18.84 7.43
CA TRP A 24 0.50 18.15 6.28
C TRP A 24 1.37 18.24 5.01
N VAL A 25 2.49 18.94 5.08
CA VAL A 25 3.40 18.95 3.90
C VAL A 25 3.90 17.53 3.69
N ASP A 26 3.88 17.08 2.44
CA ASP A 26 4.01 15.63 2.19
C ASP A 26 5.47 15.24 1.92
N VAL A 27 6.33 15.41 2.93
CA VAL A 27 7.75 15.15 2.72
C VAL A 27 8.04 13.65 2.87
N ASP A 28 9.22 13.23 2.38
CA ASP A 28 9.56 11.82 2.31
C ASP A 28 10.53 11.38 3.45
N LEU A 29 10.85 10.09 3.46
CA LEU A 29 11.83 9.52 4.38
C LEU A 29 13.26 9.85 3.92
N THR A 30 14.16 10.08 4.86
CA THR A 30 15.59 10.01 4.56
C THR A 30 15.98 8.55 4.40
N GLU A 31 17.24 8.31 3.99
CA GLU A 31 17.76 6.94 3.95
C GLU A 31 17.74 6.32 5.35
N GLN A 32 18.03 7.12 6.38
CA GLN A 32 17.91 6.66 7.77
CA GLN A 32 17.91 6.64 7.76
C GLN A 32 16.47 6.22 8.08
N GLY A 33 15.51 7.06 7.69
CA GLY A 33 14.10 6.72 7.88
C GLY A 33 13.71 5.41 7.20
N ASN A 34 14.25 5.15 6.01
CA ASN A 34 14.01 3.89 5.28
C ASN A 34 14.56 2.70 6.04
N ARG A 35 15.77 2.87 6.58
CA ARG A 35 16.44 1.84 7.38
C ARG A 35 15.68 1.54 8.67
N GLU A 36 15.17 2.59 9.31
CA GLU A 36 14.38 2.41 10.53
C GLU A 36 13.15 1.57 10.23
N ALA A 37 12.49 1.91 9.14
CA ALA A 37 11.25 1.22 8.76
C ALA A 37 11.51 -0.26 8.39
N ARG A 38 12.59 -0.52 7.65
CA ARG A 38 12.96 -1.89 7.31
C ARG A 38 13.27 -2.70 8.59
N GLN A 39 14.09 -2.10 9.47
CA GLN A 39 14.42 -2.71 10.78
C GLN A 39 13.13 -3.00 11.56
N ALA A 40 12.20 -2.02 11.58
CA ALA A 40 10.92 -2.22 12.26
C ALA A 40 10.21 -3.46 11.74
N GLY A 41 10.13 -3.58 10.42
CA GLY A 41 9.53 -4.76 9.77
C GLY A 41 10.24 -6.05 10.14
N GLN A 42 11.58 -6.05 10.11
CA GLN A 42 12.36 -7.24 10.50
CA GLN A 42 12.34 -7.26 10.50
C GLN A 42 12.07 -7.65 11.95
N LEU A 43 12.03 -6.67 12.86
CA LEU A 43 11.75 -6.93 14.26
C LEU A 43 10.37 -7.54 14.42
N LEU A 44 9.38 -6.97 13.76
CA LEU A 44 8.03 -7.51 13.88
C LEU A 44 7.98 -8.94 13.35
N LYS A 45 8.64 -9.18 12.22
CA LYS A 45 8.64 -10.53 11.62
C LYS A 45 9.31 -11.52 12.58
N GLU A 46 10.48 -11.16 13.11
CA GLU A 46 11.25 -12.04 14.01
C GLU A 46 10.50 -12.36 15.30
N ALA A 47 9.76 -11.39 15.81
CA ALA A 47 8.95 -11.60 17.01
C ALA A 47 7.61 -12.32 16.76
N GLY A 48 7.38 -12.75 15.52
CA GLY A 48 6.21 -13.55 15.18
C GLY A 48 4.89 -12.81 15.07
N TYR A 49 4.96 -11.50 14.86
CA TYR A 49 3.77 -10.67 14.65
C TYR A 49 3.23 -10.89 13.24
N THR A 50 1.93 -10.76 13.09
CA THR A 50 1.36 -10.64 11.78
C THR A 50 0.21 -9.61 11.81
N PHE A 51 -0.27 -9.19 10.65
CA PHE A 51 -1.35 -8.21 10.57
C PHE A 51 -2.40 -8.62 9.58
N ASP A 52 -3.66 -8.45 9.97
CA ASP A 52 -4.79 -8.61 9.07
C ASP A 52 -5.13 -7.34 8.28
N ILE A 53 -4.75 -6.18 8.83
CA ILE A 53 -5.12 -4.89 8.24
C ILE A 53 -4.17 -3.85 8.78
N ALA A 54 -3.85 -2.84 7.97
CA ALA A 54 -3.11 -1.68 8.45
C ALA A 54 -3.90 -0.43 8.17
N TYR A 55 -3.79 0.55 9.08
CA TYR A 55 -4.32 1.90 8.88
C TYR A 55 -3.14 2.85 8.79
N THR A 56 -3.20 3.79 7.85
CA THR A 56 -2.14 4.78 7.73
C THR A 56 -2.76 6.11 7.32
N SER A 57 -1.94 7.15 7.18
CA SER A 57 -2.44 8.45 6.78
C SER A 57 -2.46 8.56 5.23
N VAL A 58 -2.58 9.77 4.69
CA VAL A 58 -2.41 9.96 3.25
C VAL A 58 -1.02 10.55 2.94
N LEU A 59 -0.17 10.59 3.96
CA LEU A 59 1.13 11.21 3.83
C LEU A 59 2.21 10.14 3.62
N LYS A 60 3.06 10.35 2.62
CA LYS A 60 3.96 9.29 2.14
C LYS A 60 5.05 8.90 3.12
N ARG A 61 5.39 9.76 4.08
CA ARG A 61 6.38 9.33 5.07
C ARG A 61 5.83 8.18 5.91
N ALA A 62 4.55 8.26 6.26
CA ALA A 62 3.92 7.16 6.99
C ALA A 62 3.66 5.97 6.05
N ILE A 63 3.16 6.25 4.85
CA ILE A 63 2.81 5.17 3.94
C ILE A 63 4.07 4.41 3.53
N ARG A 64 5.16 5.12 3.25
CA ARG A 64 6.37 4.41 2.87
C ARG A 64 6.92 3.63 4.07
N THR A 65 6.73 4.14 5.28
CA THR A 65 7.13 3.38 6.46
C THR A 65 6.36 2.03 6.50
N LEU A 66 5.05 2.12 6.25
CA LEU A 66 4.22 0.93 6.19
C LEU A 66 4.69 -0.05 5.09
N TRP A 67 4.96 0.48 3.90
CA TRP A 67 5.42 -0.35 2.81
C TRP A 67 6.68 -1.15 3.20
N HIS A 68 7.64 -0.50 3.86
CA HIS A 68 8.86 -1.21 4.30
C HIS A 68 8.52 -2.31 5.25
N VAL A 69 7.60 -2.01 6.16
CA VAL A 69 7.20 -3.00 7.14
C VAL A 69 6.53 -4.18 6.41
N GLN A 70 5.60 -3.88 5.50
CA GLN A 70 4.93 -4.93 4.70
C GLN A 70 5.93 -5.75 3.87
N ASP A 71 6.88 -5.05 3.25
CA ASP A 71 7.89 -5.70 2.43
C ASP A 71 8.70 -6.71 3.29
N GLN A 72 9.27 -6.22 4.39
CA GLN A 72 10.06 -7.04 5.30
C GLN A 72 9.30 -8.23 5.91
N MET A 73 8.02 -8.03 6.21
CA MET A 73 7.15 -9.07 6.77
C MET A 73 6.50 -10.00 5.74
N ASP A 74 6.71 -9.74 4.44
CA ASP A 74 6.00 -10.47 3.38
C ASP A 74 4.45 -10.35 3.54
N LEU A 75 3.98 -9.11 3.78
CA LEU A 75 2.57 -8.82 3.91
C LEU A 75 2.14 -7.71 2.93
N MET A 76 2.66 -7.74 1.71
CA MET A 76 2.38 -6.66 0.73
C MET A 76 0.96 -6.72 0.19
N TYR A 77 0.29 -7.83 0.43
CA TYR A 77 -1.06 -8.04 -0.08
C TYR A 77 -2.16 -7.67 0.91
N VAL A 78 -1.84 -7.30 2.15
CA VAL A 78 -2.92 -7.15 3.17
C VAL A 78 -3.69 -5.84 2.98
N PRO A 79 -4.95 -5.80 3.45
CA PRO A 79 -5.75 -4.56 3.32
C PRO A 79 -5.10 -3.36 4.01
N VAL A 80 -5.10 -2.22 3.35
CA VAL A 80 -4.61 -0.99 3.94
C VAL A 80 -5.67 0.11 3.79
N VAL A 81 -5.99 0.79 4.90
CA VAL A 81 -6.88 1.93 4.91
C VAL A 81 -6.05 3.20 5.08
N HIS A 82 -6.09 4.08 4.07
CA HIS A 82 -5.37 5.35 4.11
C HIS A 82 -6.41 6.41 4.49
N SER A 83 -6.18 7.13 5.58
CA SER A 83 -7.16 8.09 6.08
C SER A 83 -6.49 9.40 6.45
N TRP A 84 -7.01 10.49 5.90
CA TRP A 84 -6.55 11.81 6.30
C TRP A 84 -6.65 11.99 7.80
N ARG A 85 -7.51 11.20 8.45
CA ARG A 85 -7.71 11.38 9.90
C ARG A 85 -6.50 10.93 10.70
N LEU A 86 -5.59 10.16 10.08
CA LEU A 86 -4.33 9.84 10.74
C LEU A 86 -3.17 10.79 10.37
N ASN A 87 -3.45 11.83 9.57
CA ASN A 87 -2.42 12.81 9.26
C ASN A 87 -1.79 13.39 10.52
N GLU A 88 -0.53 13.76 10.40
CA GLU A 88 0.12 14.60 11.38
C GLU A 88 -0.75 15.82 11.71
N ARG A 89 -0.54 16.36 12.92
CA ARG A 89 -1.13 17.64 13.28
C ARG A 89 -0.78 18.73 12.22
N HIS A 90 -1.80 19.49 11.79
CA HIS A 90 -1.61 20.53 10.82
C HIS A 90 -0.85 21.68 11.47
N TYR A 91 0.30 22.03 10.91
CA TYR A 91 1.14 23.09 11.48
C TYR A 91 0.89 24.52 11.01
N GLY A 92 -0.18 24.74 10.24
CA GLY A 92 -0.50 26.10 9.79
C GLY A 92 0.61 26.81 9.04
N ALA A 93 0.73 28.11 9.30
CA ALA A 93 1.73 28.92 8.61
C ALA A 93 3.18 28.57 9.01
N LEU A 94 3.34 27.80 10.07
CA LEU A 94 4.67 27.32 10.45
C LEU A 94 5.21 26.24 9.49
N SER A 95 4.34 25.62 8.70
CA SER A 95 4.72 24.46 7.88
C SER A 95 5.80 24.81 6.89
N GLY A 96 6.97 24.20 7.00
CA GLY A 96 8.06 24.58 6.08
C GLY A 96 9.10 25.51 6.68
N LEU A 97 8.84 26.03 7.86
CA LEU A 97 9.78 26.93 8.52
C LEU A 97 10.72 26.13 9.41
N ASN A 98 11.97 26.59 9.53
CA ASN A 98 12.96 25.97 10.41
C ASN A 98 12.60 26.31 11.86
N LYS A 99 12.63 25.31 12.73
CA LYS A 99 12.25 25.48 14.14
C LYS A 99 13.18 26.45 14.88
N ALA A 100 14.50 26.33 14.65
CA ALA A 100 15.47 27.26 15.28
C ALA A 100 15.26 28.71 14.81
N GLU A 101 15.14 28.91 13.50
CA GLU A 101 14.93 30.25 12.93
C GLU A 101 13.65 30.87 13.44
N THR A 102 12.61 30.06 13.54
CA THR A 102 11.33 30.51 14.09
C THR A 102 11.45 30.94 15.57
N ALA A 103 12.23 30.20 16.35
CA ALA A 103 12.45 30.52 17.79
C ALA A 103 13.30 31.79 17.91
N ALA A 104 14.31 31.91 17.08
CA ALA A 104 15.13 33.12 17.01
C ALA A 104 14.19 34.29 16.73
N LYS A 105 13.27 34.13 15.79
CA LYS A 105 12.40 35.23 15.40
C LYS A 105 11.31 35.61 16.42
N TYR A 106 10.68 34.62 17.03
CA TYR A 106 9.50 34.88 17.88
C TYR A 106 9.69 34.60 19.37
N GLY A 107 10.87 34.12 19.75
CA GLY A 107 11.16 33.79 21.15
C GLY A 107 10.85 32.33 21.43
N ASP A 108 11.59 31.75 22.37
CA ASP A 108 11.43 30.33 22.70
C ASP A 108 10.07 29.95 23.30
N GLU A 109 9.55 30.78 24.19
CA GLU A 109 8.26 30.49 24.83
C GLU A 109 7.16 30.41 23.77
N GLN A 110 7.12 31.40 22.89
CA GLN A 110 6.09 31.49 21.85
C GLN A 110 6.07 30.27 20.94
N VAL A 111 7.26 29.81 20.51
CA VAL A 111 7.38 28.59 19.71
C VAL A 111 6.93 27.38 20.51
N LEU A 112 7.26 27.35 21.80
CA LEU A 112 6.89 26.20 22.62
C LEU A 112 5.38 26.11 22.82
N VAL A 113 4.72 27.26 22.93
CA VAL A 113 3.25 27.33 22.94
C VAL A 113 2.70 26.75 21.61
N TRP A 114 3.19 27.26 20.49
CA TRP A 114 2.78 26.74 19.19
C TRP A 114 3.06 25.23 19.01
N ARG A 115 4.19 24.77 19.54
CA ARG A 115 4.57 23.35 19.46
C ARG A 115 3.71 22.45 20.35
N ARG A 116 3.46 22.88 21.59
CA ARG A 116 2.94 21.92 22.57
C ARG A 116 1.79 22.38 23.48
N SER A 117 1.26 23.58 23.28
CA SER A 117 0.00 23.97 23.95
C SER A 117 -1.10 23.04 23.46
N TYR A 118 -1.79 22.39 24.39
CA TYR A 118 -2.84 21.43 24.04
C TYR A 118 -3.96 22.07 23.22
N ASP A 119 -4.34 23.29 23.59
CA ASP A 119 -5.55 23.89 23.03
C ASP A 119 -5.33 25.22 22.27
N THR A 120 -4.07 25.62 22.06
CA THR A 120 -3.83 26.82 21.26
C THR A 120 -3.01 26.52 20.00
N PRO A 121 -3.61 26.76 18.82
CA PRO A 121 -2.96 26.31 17.59
C PRO A 121 -1.84 27.26 17.10
N PRO A 122 -0.93 26.77 16.23
CA PRO A 122 -0.02 27.67 15.50
C PRO A 122 -0.80 28.67 14.63
N PRO A 123 -0.16 29.77 14.20
CA PRO A 123 -0.86 30.68 13.29
C PRO A 123 -1.37 29.93 12.05
N ALA A 124 -2.58 30.26 11.59
CA ALA A 124 -3.23 29.58 10.47
C ALA A 124 -2.64 29.94 9.10
N LEU A 125 -2.65 28.99 8.16
CA LEU A 125 -2.42 29.31 6.76
C LEU A 125 -3.56 30.24 6.33
N GLU A 126 -3.25 31.18 5.45
CA GLU A 126 -4.29 31.89 4.71
C GLU A 126 -4.93 30.90 3.74
N PRO A 127 -6.25 31.02 3.49
CA PRO A 127 -6.91 30.01 2.67
C PRO A 127 -6.43 29.98 1.19
N GLY A 128 -5.94 31.11 0.68
CA GLY A 128 -5.38 31.17 -0.68
C GLY A 128 -3.90 30.75 -0.79
N ASP A 129 -3.25 30.41 0.34
CA ASP A 129 -1.87 29.87 0.33
C ASP A 129 -1.84 28.57 -0.51
N GLU A 130 -0.81 28.40 -1.33
CA GLU A 130 -0.62 27.18 -2.11
C GLU A 130 -0.52 25.96 -1.19
N ARG A 131 -0.19 26.17 0.07
CA ARG A 131 -0.09 25.05 1.01
C ARG A 131 -1.46 24.60 1.56
N ALA A 132 -2.50 25.37 1.26
CA ALA A 132 -3.84 25.07 1.80
C ALA A 132 -4.30 23.75 1.18
N PRO A 133 -5.16 22.99 1.87
CA PRO A 133 -5.42 21.64 1.37
C PRO A 133 -6.56 21.52 0.33
N TYR A 134 -7.20 22.63 -0.07
CA TYR A 134 -8.53 22.56 -0.73
C TYR A 134 -8.54 21.90 -2.10
N ALA A 135 -7.48 22.09 -2.88
CA ALA A 135 -7.46 21.49 -4.23
C ALA A 135 -6.70 20.15 -4.31
N ASP A 136 -6.29 19.63 -3.15
CA ASP A 136 -5.46 18.42 -3.10
C ASP A 136 -6.36 17.18 -3.27
N PRO A 137 -6.06 16.31 -4.26
CA PRO A 137 -6.97 15.15 -4.48
C PRO A 137 -7.07 14.23 -3.26
N ARG A 138 -6.11 14.30 -2.33
CA ARG A 138 -6.18 13.49 -1.10
C ARG A 138 -7.38 13.87 -0.23
N TYR A 139 -7.80 15.13 -0.30
CA TYR A 139 -8.86 15.63 0.58
C TYR A 139 -10.14 15.93 -0.19
N ALA A 140 -10.24 15.45 -1.43
CA ALA A 140 -11.38 15.84 -2.27
C ALA A 140 -12.71 15.34 -1.69
N LYS A 141 -12.67 14.33 -0.82
CA LYS A 141 -13.93 13.85 -0.21
C LYS A 141 -14.17 14.46 1.16
N VAL A 142 -13.28 15.33 1.61
CA VAL A 142 -13.45 15.96 2.92
C VAL A 142 -14.20 17.26 2.74
N PRO A 143 -15.24 17.47 3.56
CA PRO A 143 -15.94 18.73 3.36
C PRO A 143 -15.02 19.90 3.69
N ARG A 144 -15.11 20.95 2.87
CA ARG A 144 -14.21 22.09 2.96
C ARG A 144 -14.04 22.66 4.36
N GLU A 145 -15.16 22.84 5.06
CA GLU A 145 -15.17 23.40 6.42
C GLU A 145 -14.48 22.51 7.45
N GLN A 146 -14.33 21.22 7.18
CA GLN A 146 -13.61 20.35 8.12
C GLN A 146 -12.12 20.34 7.87
N LEU A 147 -11.68 20.85 6.73
CA LEU A 147 -10.21 20.87 6.45
C LEU A 147 -9.56 21.96 7.30
N PRO A 148 -8.51 21.60 8.08
CA PRO A 148 -7.86 22.59 8.94
C PRO A 148 -6.88 23.49 8.16
N LEU A 149 -6.77 24.75 8.58
CA LEU A 149 -5.68 25.65 8.15
C LEU A 149 -4.60 25.75 9.24
N THR A 150 -4.90 25.08 10.37
CA THR A 150 -3.98 24.92 11.48
C THR A 150 -4.66 24.00 12.51
N GLU A 151 -3.88 23.35 13.38
CA GLU A 151 -4.43 22.51 14.44
C GLU A 151 -3.59 22.59 15.70
N CYS A 152 -4.24 22.64 16.86
CA CYS A 152 -3.57 22.27 18.12
C CYS A 152 -3.82 20.77 18.31
N LEU A 153 -3.17 20.16 19.30
CA LEU A 153 -3.37 18.75 19.57
C LEU A 153 -4.83 18.42 19.86
N LYS A 154 -5.52 19.31 20.56
CA LYS A 154 -6.93 19.08 20.86
C LYS A 154 -7.75 18.88 19.57
N ASP A 155 -7.51 19.72 18.57
CA ASP A 155 -8.15 19.58 17.26
C ASP A 155 -7.78 18.23 16.65
N THR A 156 -6.48 17.88 16.71
CA THR A 156 -6.01 16.60 16.18
C THR A 156 -6.72 15.43 16.82
N VAL A 157 -6.87 15.47 18.14
CA VAL A 157 -7.65 14.43 18.86
C VAL A 157 -9.07 14.33 18.31
N ALA A 158 -9.75 15.48 18.16
CA ALA A 158 -11.15 15.44 17.64
C ALA A 158 -11.27 14.78 16.24
N ARG A 159 -10.27 14.95 15.38
CA ARG A 159 -10.40 14.37 14.05
C ARG A 159 -9.84 12.94 13.96
N VAL A 160 -8.94 12.60 14.88
CA VAL A 160 -8.46 11.21 14.93
C VAL A 160 -9.51 10.23 15.47
N LEU A 161 -10.20 10.59 16.54
CA LEU A 161 -11.02 9.61 17.28
C LEU A 161 -12.18 8.98 16.49
N PRO A 162 -12.84 9.73 15.59
CA PRO A 162 -13.92 9.07 14.85
C PRO A 162 -13.42 7.88 14.02
N LEU A 163 -12.16 7.92 13.53
CA LEU A 163 -11.62 6.75 12.84
C LEU A 163 -11.42 5.58 13.83
N TRP A 164 -10.93 5.87 15.02
CA TRP A 164 -10.82 4.84 16.05
C TRP A 164 -12.20 4.22 16.31
N ASN A 165 -13.16 5.08 16.66
CA ASN A 165 -14.52 4.62 17.04
C ASN A 165 -15.21 3.83 15.95
N GLU A 166 -15.11 4.30 14.72
CA GLU A 166 -15.96 3.76 13.67
C GLU A 166 -15.33 2.63 12.92
N SER A 167 -14.01 2.55 12.89
CA SER A 167 -13.34 1.56 12.06
CA SER A 167 -13.34 1.56 12.06
C SER A 167 -12.35 0.69 12.81
N ILE A 168 -11.40 1.32 13.49
CA ILE A 168 -10.28 0.61 14.10
C ILE A 168 -10.69 -0.19 15.33
N ALA A 169 -11.38 0.45 16.28
CA ALA A 169 -11.79 -0.27 17.49
C ALA A 169 -12.67 -1.48 17.13
N PRO A 170 -13.68 -1.30 16.24
CA PRO A 170 -14.43 -2.50 15.83
C PRO A 170 -13.55 -3.62 15.25
N ALA A 171 -12.54 -3.29 14.47
CA ALA A 171 -11.67 -4.29 13.89
C ALA A 171 -10.81 -5.00 14.94
N VAL A 172 -10.33 -4.26 15.95
CA VAL A 172 -9.60 -4.86 17.05
C VAL A 172 -10.54 -5.79 17.85
N LYS A 173 -11.74 -5.29 18.15
CA LYS A 173 -12.76 -6.09 18.87
C LYS A 173 -13.10 -7.37 18.13
N ALA A 174 -13.13 -7.32 16.80
CA ALA A 174 -13.41 -8.50 16.00
C ALA A 174 -12.22 -9.48 15.94
N GLY A 175 -11.16 -9.21 16.69
CA GLY A 175 -9.95 -10.05 16.66
C GLY A 175 -9.01 -9.82 15.47
N LYS A 176 -9.17 -8.73 14.75
CA LYS A 176 -8.21 -8.46 13.69
C LYS A 176 -6.89 -7.97 14.29
N GLN A 177 -5.77 -8.42 13.72
CA GLN A 177 -4.46 -7.93 14.11
C GLN A 177 -4.16 -6.65 13.31
N VAL A 178 -4.15 -5.52 14.01
CA VAL A 178 -4.07 -4.19 13.39
C VAL A 178 -2.72 -3.53 13.59
N LEU A 179 -2.19 -2.93 12.51
CA LEU A 179 -1.04 -2.05 12.55
C LEU A 179 -1.49 -0.61 12.18
N ILE A 180 -1.06 0.38 12.97
CA ILE A 180 -1.29 1.78 12.64
C ILE A 180 0.05 2.43 12.40
N ALA A 181 0.29 2.83 11.16
CA ALA A 181 1.52 3.51 10.75
C ALA A 181 1.19 4.98 10.54
N ALA A 182 1.65 5.83 11.44
CA ALA A 182 1.15 7.19 11.37
C ALA A 182 2.21 8.19 11.81
N HIS A 183 1.82 9.20 12.60
CA HIS A 183 2.63 10.38 12.84
C HIS A 183 2.68 10.72 14.33
N GLY A 184 3.64 11.55 14.71
CA GLY A 184 3.85 11.87 16.11
C GLY A 184 2.58 12.30 16.81
N ASN A 185 1.96 13.35 16.30
CA ASN A 185 0.79 13.89 16.94
C ASN A 185 -0.50 13.14 16.75
N SER A 186 -0.66 12.41 15.67
CA SER A 186 -1.88 11.61 15.56
C SER A 186 -1.80 10.37 16.46
N LEU A 187 -0.59 9.81 16.60
CA LEU A 187 -0.38 8.74 17.59
C LEU A 187 -0.52 9.26 19.04
N ARG A 188 0.03 10.43 19.35
CA ARG A 188 -0.15 11.02 20.72
C ARG A 188 -1.64 11.20 21.03
N ALA A 189 -2.39 11.70 20.03
CA ALA A 189 -3.83 11.88 20.14
C ALA A 189 -4.55 10.60 20.50
N LEU A 190 -4.27 9.53 19.76
CA LEU A 190 -4.89 8.27 20.04
C LEU A 190 -4.47 7.71 21.41
N ILE A 191 -3.18 7.82 21.71
CA ILE A 191 -2.65 7.31 22.96
C ILE A 191 -3.24 8.12 24.14
N LYS A 192 -3.39 9.44 23.96
CA LYS A 192 -3.99 10.27 24.98
C LYS A 192 -5.34 9.67 25.40
N TYR A 193 -6.09 9.22 24.41
CA TYR A 193 -7.42 8.65 24.61
C TYR A 193 -7.33 7.23 25.21
N LEU A 194 -6.46 6.40 24.65
CA LEU A 194 -6.29 5.03 25.18
C LEU A 194 -5.81 4.99 26.64
N ASP A 195 -4.78 5.76 26.96
CA ASP A 195 -4.22 5.73 28.32
C ASP A 195 -4.93 6.74 29.25
N GLY A 196 -5.94 7.45 28.75
CA GLY A 196 -6.61 8.49 29.55
C GLY A 196 -5.63 9.54 30.10
N ILE A 197 -4.77 10.09 29.24
CA ILE A 197 -3.75 11.03 29.73
C ILE A 197 -4.33 12.45 29.77
N SER A 198 -3.99 13.24 30.79
CA SER A 198 -4.52 14.60 30.92
C SER A 198 -3.99 15.55 29.82
N ASP A 199 -4.65 16.69 29.69
CA ASP A 199 -4.22 17.75 28.79
C ASP A 199 -2.81 18.24 29.11
N ALA A 200 -2.49 18.45 30.38
CA ALA A 200 -1.15 18.92 30.74
C ALA A 200 -0.08 17.84 30.53
N ASP A 201 -0.41 16.57 30.79
CA ASP A 201 0.59 15.49 30.76
C ASP A 201 0.96 15.02 29.33
N ILE A 202 0.00 15.10 28.41
CA ILE A 202 0.19 14.57 27.05
C ILE A 202 1.31 15.31 26.33
N VAL A 203 1.53 16.54 26.80
CA VAL A 203 2.61 17.44 26.38
C VAL A 203 3.98 16.75 26.29
N GLY A 204 4.31 15.91 27.29
CA GLY A 204 5.64 15.30 27.35
C GLY A 204 5.82 13.96 26.64
N LEU A 205 4.76 13.40 26.06
CA LEU A 205 4.88 12.11 25.39
C LEU A 205 5.74 12.22 24.10
N ASN A 206 6.77 11.39 24.02
CA ASN A 206 7.79 11.46 23.00
C ASN A 206 7.91 10.10 22.28
N ILE A 207 7.32 9.96 21.09
CA ILE A 207 7.40 8.71 20.31
C ILE A 207 8.54 8.71 19.29
N PRO A 208 9.49 7.75 19.40
CA PRO A 208 10.58 7.72 18.44
C PRO A 208 10.13 7.27 17.04
N ASN A 209 10.84 7.77 16.05
CA ASN A 209 10.66 7.42 14.64
C ASN A 209 10.88 5.94 14.44
N GLY A 210 9.96 5.30 13.72
CA GLY A 210 10.22 3.96 13.21
C GLY A 210 10.43 2.84 14.23
N VAL A 211 9.83 2.95 15.40
CA VAL A 211 9.95 1.88 16.40
C VAL A 211 8.56 1.27 16.70
N PRO A 212 8.40 -0.07 16.48
CA PRO A 212 7.09 -0.64 16.76
C PRO A 212 6.72 -0.43 18.23
N LEU A 213 5.49 0.01 18.44
CA LEU A 213 5.00 0.32 19.77
C LEU A 213 3.76 -0.52 19.99
N VAL A 214 3.87 -1.51 20.87
CA VAL A 214 2.80 -2.48 21.07
C VAL A 214 1.95 -2.14 22.29
N TYR A 215 0.64 -2.03 22.07
CA TYR A 215 -0.34 -1.91 23.14
C TYR A 215 -1.05 -3.26 23.37
N GLU A 216 -1.10 -3.68 24.64
CA GLU A 216 -1.96 -4.81 25.04
C GLU A 216 -3.23 -4.25 25.64
N LEU A 217 -4.37 -4.59 25.06
CA LEU A 217 -5.64 -4.03 25.49
C LEU A 217 -6.49 -5.14 26.05
N ASP A 218 -7.28 -4.83 27.07
CA ASP A 218 -8.20 -5.83 27.58
C ASP A 218 -9.48 -5.85 26.76
N GLU A 219 -10.49 -6.55 27.25
CA GLU A 219 -11.76 -6.77 26.53
C GLU A 219 -12.49 -5.47 26.25
N SER A 220 -12.36 -4.51 27.14
CA SER A 220 -12.97 -3.20 26.93
C SER A 220 -12.10 -2.25 26.10
N LEU A 221 -10.94 -2.74 25.63
CA LEU A 221 -9.90 -1.94 24.89
C LEU A 221 -9.14 -0.93 25.76
N THR A 222 -9.07 -1.22 27.07
CA THR A 222 -8.30 -0.41 28.00
C THR A 222 -6.89 -1.02 28.04
N PRO A 223 -5.85 -0.17 27.92
CA PRO A 223 -4.51 -0.72 27.95
C PRO A 223 -4.19 -1.47 29.24
N ILE A 224 -3.63 -2.66 29.08
CA ILE A 224 -3.01 -3.38 30.18
C ILE A 224 -1.58 -2.80 30.34
N ARG A 225 -0.87 -2.61 29.22
CA ARG A 225 0.50 -2.12 29.21
C ARG A 225 0.91 -1.82 27.77
N HIS A 226 2.01 -1.09 27.59
CA HIS A 226 2.59 -0.94 26.27
C HIS A 226 4.10 -1.07 26.38
N TYR A 227 4.74 -1.39 25.25
CA TYR A 227 6.20 -1.52 25.18
C TYR A 227 6.68 -1.40 23.73
N TYR A 228 7.94 -1.04 23.55
CA TYR A 228 8.53 -0.88 22.21
C TYR A 228 9.35 -2.11 21.86
N LEU A 229 9.35 -2.50 20.58
CA LEU A 229 10.12 -3.63 20.11
C LEU A 229 11.50 -3.21 19.65
N GLY A 230 12.50 -4.00 20.04
CA GLY A 230 13.86 -3.82 19.55
C GLY A 230 14.86 -3.65 20.68
N ASP A 231 15.97 -2.98 20.34
CA ASP A 231 17.07 -2.75 21.26
C ASP A 231 16.59 -1.72 22.29
N GLN A 232 16.32 -2.17 23.51
CA GLN A 232 15.71 -1.28 24.53
C GLN A 232 16.60 -0.10 24.91
N GLU A 233 17.92 -0.30 24.87
CA GLU A 233 18.86 0.78 25.19
C GLU A 233 18.90 1.79 24.06
N ALA A 234 18.93 1.32 22.81
CA ALA A 234 18.81 2.23 21.66
C ALA A 234 17.47 2.96 21.66
N ILE A 235 16.40 2.29 22.09
CA ILE A 235 15.11 2.96 22.14
C ILE A 235 15.08 4.07 23.20
N ALA A 236 15.66 3.79 24.38
CA ALA A 236 15.82 4.82 25.43
C ALA A 236 16.60 6.06 24.92
N LYS A 237 17.72 5.83 24.21
CA LYS A 237 18.47 6.93 23.55
C LYS A 237 17.60 7.72 22.57
N ALA A 238 16.79 7.01 21.79
CA ALA A 238 15.95 7.67 20.79
C ALA A 238 14.88 8.50 21.52
N GLN A 239 14.34 7.97 22.62
CA GLN A 239 13.39 8.73 23.45
C GLN A 239 14.00 10.02 24.02
N ALA A 240 15.23 9.93 24.52
CA ALA A 240 15.90 11.11 25.05
C ALA A 240 16.08 12.16 23.94
N ALA A 241 16.45 11.70 22.73
CA ALA A 241 16.66 12.62 21.61
C ALA A 241 15.35 13.32 21.16
N VAL A 242 14.27 12.55 21.02
CA VAL A 242 12.99 13.16 20.67
C VAL A 242 12.60 14.21 21.70
N ALA A 243 12.75 13.89 22.99
CA ALA A 243 12.35 14.83 24.07
C ALA A 243 13.11 16.14 24.01
N GLN A 244 14.37 16.07 23.61
CA GLN A 244 15.23 17.26 23.51
C GLN A 244 14.87 18.20 22.35
N GLN A 245 14.28 17.64 21.29
CA GLN A 245 13.78 18.44 20.17
C GLN A 245 12.38 18.99 20.45
N MET B 2 -16.88 8.40 -22.99
CA MET B 2 -15.46 7.98 -23.07
C MET B 2 -14.82 7.84 -21.65
N TYR B 3 -14.41 6.61 -21.35
CA TYR B 3 -13.64 6.29 -20.16
C TYR B 3 -12.29 5.77 -20.58
N LYS B 4 -11.32 5.85 -19.67
CA LYS B 4 -10.02 5.22 -19.89
C LYS B 4 -9.75 4.24 -18.78
N LEU B 5 -9.19 3.10 -19.13
CA LEU B 5 -8.78 2.09 -18.19
C LEU B 5 -7.35 1.76 -18.52
N VAL B 6 -6.49 1.71 -17.50
CA VAL B 6 -5.09 1.42 -17.73
C VAL B 6 -4.69 0.06 -17.14
N LEU B 7 -4.00 -0.74 -17.96
CA LEU B 7 -3.52 -2.04 -17.56
C LEU B 7 -2.03 -2.03 -17.63
N ILE B 8 -1.39 -2.80 -16.76
CA ILE B 8 0.06 -2.93 -16.84
C ILE B 8 0.49 -4.29 -16.29
N ARG B 9 1.40 -4.95 -17.02
CA ARG B 9 2.01 -6.19 -16.57
C ARG B 9 3.19 -5.83 -15.69
N HIS B 10 3.40 -6.61 -14.65
CA HIS B 10 4.54 -6.37 -13.77
C HIS B 10 5.86 -6.27 -14.55
N GLY B 11 6.84 -5.60 -13.94
CA GLY B 11 8.20 -5.57 -14.50
C GLY B 11 8.81 -6.96 -14.48
N GLU B 12 9.96 -7.11 -15.15
CA GLU B 12 10.70 -8.36 -15.13
C GLU B 12 10.90 -8.94 -13.71
N SER B 13 10.51 -10.19 -13.52
CA SER B 13 10.73 -10.88 -12.25
C SER B 13 12.01 -11.73 -12.35
N THR B 14 12.52 -12.19 -11.21
CA THR B 14 13.67 -13.09 -11.22
C THR B 14 13.44 -14.31 -12.14
N TRP B 15 12.25 -14.90 -12.07
CA TRP B 15 11.95 -16.07 -12.94
C TRP B 15 11.67 -15.73 -14.41
N ASN B 16 11.17 -14.52 -14.71
CA ASN B 16 11.15 -14.06 -16.12
C ASN B 16 12.58 -14.11 -16.68
N LYS B 17 13.52 -13.55 -15.92
CA LYS B 17 14.93 -13.49 -16.31
C LYS B 17 15.46 -14.91 -16.54
N GLU B 18 14.98 -15.88 -15.75
CA GLU B 18 15.46 -17.25 -15.88
C GLU B 18 14.60 -18.09 -16.84
N ASN B 19 13.64 -17.45 -17.52
CA ASN B 19 12.71 -18.15 -18.41
C ASN B 19 12.06 -19.38 -17.73
N ARG B 20 11.62 -19.20 -16.48
CA ARG B 20 10.95 -20.26 -15.73
C ARG B 20 9.48 -19.94 -15.57
N PHE B 21 8.66 -20.98 -15.75
CA PHE B 21 7.24 -20.88 -15.40
C PHE B 21 7.14 -20.48 -13.93
N THR B 22 6.33 -19.45 -13.65
CA THR B 22 6.17 -18.97 -12.30
C THR B 22 4.80 -19.31 -11.71
N GLY B 23 3.73 -18.85 -12.37
CA GLY B 23 2.40 -19.08 -11.85
C GLY B 23 2.21 -18.35 -10.52
N TRP B 24 1.79 -19.12 -9.49
CA TRP B 24 1.50 -18.58 -8.20
C TRP B 24 2.71 -18.50 -7.26
N VAL B 25 3.89 -18.96 -7.72
CA VAL B 25 5.11 -18.77 -6.90
C VAL B 25 5.36 -17.26 -6.78
N ASP B 26 5.52 -16.80 -5.54
CA ASP B 26 5.59 -15.38 -5.26
C ASP B 26 7.00 -14.76 -5.42
N VAL B 27 7.59 -14.83 -6.61
CA VAL B 27 8.94 -14.28 -6.83
C VAL B 27 8.90 -12.75 -6.99
N ASP B 28 10.04 -12.10 -6.72
CA ASP B 28 10.10 -10.64 -6.76
C ASP B 28 10.65 -10.11 -8.09
N LEU B 29 10.67 -8.79 -8.22
CA LEU B 29 11.25 -8.11 -9.38
C LEU B 29 12.77 -8.17 -9.38
N THR B 30 13.36 -8.15 -10.56
CA THR B 30 14.79 -7.86 -10.68
C THR B 30 14.98 -6.36 -10.64
N GLU B 31 16.23 -5.92 -10.61
CA GLU B 31 16.49 -4.47 -10.65
C GLU B 31 15.97 -3.89 -11.97
N GLN B 32 16.13 -4.62 -13.07
CA GLN B 32 15.52 -4.19 -14.32
C GLN B 32 13.98 -4.04 -14.21
N GLY B 33 13.32 -5.02 -13.60
CA GLY B 33 11.87 -4.96 -13.37
C GLY B 33 11.50 -3.76 -12.52
N ASN B 34 12.29 -3.49 -11.47
CA ASN B 34 12.12 -2.22 -10.73
C ASN B 34 12.22 -0.96 -11.62
N ARG B 35 13.22 -0.95 -12.51
CA ARG B 35 13.40 0.19 -13.42
C ARG B 35 12.24 0.32 -14.39
N GLU B 36 11.75 -0.82 -14.90
CA GLU B 36 10.62 -0.78 -15.85
C GLU B 36 9.39 -0.18 -15.19
N ALA B 37 9.15 -0.59 -13.95
CA ALA B 37 8.01 -0.12 -13.18
C ALA B 37 8.11 1.40 -12.93
N ARG B 38 9.30 1.89 -12.52
CA ARG B 38 9.45 3.31 -12.26
CA ARG B 38 9.56 3.32 -12.29
C ARG B 38 9.25 4.11 -13.55
N GLN B 39 9.81 3.59 -14.66
CA GLN B 39 9.68 4.20 -15.97
C GLN B 39 8.20 4.26 -16.38
N ALA B 40 7.45 3.18 -16.21
CA ALA B 40 6.00 3.19 -16.47
C ALA B 40 5.27 4.25 -15.63
N GLY B 41 5.65 4.37 -14.36
CA GLY B 41 5.06 5.40 -13.50
C GLY B 41 5.32 6.80 -14.04
N GLN B 42 6.58 7.04 -14.46
CA GLN B 42 7.00 8.32 -15.05
CA GLN B 42 6.96 8.34 -15.04
C GLN B 42 6.19 8.61 -16.32
N LEU B 43 6.01 7.60 -17.15
CA LEU B 43 5.26 7.77 -18.41
C LEU B 43 3.80 8.16 -18.14
N LEU B 44 3.15 7.49 -17.22
CA LEU B 44 1.75 7.80 -16.92
C LEU B 44 1.64 9.23 -16.38
N LYS B 45 2.58 9.59 -15.52
CA LYS B 45 2.61 10.91 -14.93
C LYS B 45 2.75 11.97 -16.04
N GLU B 46 3.79 11.83 -16.89
CA GLU B 46 4.06 12.83 -17.93
C GLU B 46 2.91 12.92 -18.92
N ALA B 47 2.27 11.79 -19.23
CA ALA B 47 1.16 11.82 -20.16
C ALA B 47 -0.16 12.30 -19.52
N GLY B 48 -0.10 12.74 -18.26
CA GLY B 48 -1.21 13.42 -17.60
C GLY B 48 -2.24 12.51 -16.93
N TYR B 49 -1.91 11.24 -16.74
CA TYR B 49 -2.80 10.30 -16.05
C TYR B 49 -2.82 10.48 -14.53
N THR B 50 -3.95 10.12 -13.94
CA THR B 50 -4.06 9.98 -12.50
C THR B 50 -5.01 8.81 -12.22
N PHE B 51 -5.04 8.33 -10.97
CA PHE B 51 -5.91 7.20 -10.61
C PHE B 51 -6.57 7.42 -9.28
N ASP B 52 -7.79 6.90 -9.17
CA ASP B 52 -8.56 6.94 -7.92
C ASP B 52 -8.43 5.67 -7.10
N ILE B 53 -8.08 4.57 -7.79
CA ILE B 53 -8.06 3.24 -7.19
C ILE B 53 -7.24 2.32 -8.10
N ALA B 54 -6.56 1.34 -7.50
CA ALA B 54 -5.87 0.32 -8.26
C ALA B 54 -6.33 -1.08 -7.84
N TYR B 55 -6.29 -2.00 -8.80
CA TYR B 55 -6.55 -3.42 -8.57
C TYR B 55 -5.30 -4.14 -8.93
N THR B 56 -4.86 -5.03 -8.05
CA THR B 56 -3.67 -5.82 -8.32
C THR B 56 -3.89 -7.24 -7.83
N SER B 57 -2.85 -8.07 -7.94
CA SER B 57 -2.98 -9.44 -7.44
C SER B 57 -2.51 -9.55 -5.99
N VAL B 58 -2.28 -10.77 -5.50
CA VAL B 58 -1.60 -10.93 -4.19
C VAL B 58 -0.09 -11.27 -4.30
N LEU B 59 0.43 -11.21 -5.54
CA LEU B 59 1.81 -11.60 -5.85
C LEU B 59 2.68 -10.34 -5.92
N LYS B 60 3.77 -10.34 -5.16
CA LYS B 60 4.56 -9.12 -4.94
C LYS B 60 5.20 -8.55 -6.19
N ARG B 61 5.44 -9.37 -7.20
CA ARG B 61 6.00 -8.83 -8.45
C ARG B 61 5.03 -7.82 -9.06
N ALA B 62 3.73 -8.10 -8.99
CA ALA B 62 2.74 -7.14 -9.48
C ALA B 62 2.54 -6.02 -8.46
N ILE B 63 2.47 -6.37 -7.18
CA ILE B 63 2.30 -5.34 -6.15
C ILE B 63 3.45 -4.33 -6.14
N ARG B 64 4.68 -4.81 -6.21
CA ARG B 64 5.85 -3.89 -6.21
C ARG B 64 5.85 -2.99 -7.46
N THR B 65 5.39 -3.52 -8.58
CA THR B 65 5.25 -2.73 -9.80
C THR B 65 4.27 -1.59 -9.53
N LEU B 66 3.15 -1.93 -8.88
CA LEU B 66 2.14 -0.96 -8.56
C LEU B 66 2.74 0.09 -7.61
N TRP B 67 3.50 -0.35 -6.60
CA TRP B 67 4.15 0.60 -5.67
C TRP B 67 5.03 1.60 -6.41
N HIS B 68 5.85 1.13 -7.36
CA HIS B 68 6.69 2.06 -8.12
C HIS B 68 5.85 3.05 -8.91
N VAL B 69 4.77 2.57 -9.54
CA VAL B 69 3.91 3.46 -10.34
C VAL B 69 3.31 4.49 -9.39
N GLN B 70 2.75 4.04 -8.26
CA GLN B 70 2.20 4.95 -7.26
C GLN B 70 3.23 5.95 -6.74
N ASP B 71 4.43 5.45 -6.44
CA ASP B 71 5.51 6.29 -5.94
C ASP B 71 5.82 7.40 -6.97
N GLN B 72 6.04 7.00 -8.22
CA GLN B 72 6.41 7.96 -9.28
C GLN B 72 5.31 8.94 -9.61
N MET B 73 4.05 8.54 -9.45
CA MET B 73 2.92 9.42 -9.76
C MET B 73 2.45 10.23 -8.56
N ASP B 74 3.06 10.00 -7.39
CA ASP B 74 2.63 10.64 -6.13
C ASP B 74 1.17 10.24 -5.83
N LEU B 75 0.90 8.92 -5.92
CA LEU B 75 -0.43 8.40 -5.65
C LEU B 75 -0.35 7.28 -4.60
N MET B 76 0.50 7.45 -3.59
CA MET B 76 0.75 6.34 -2.66
C MET B 76 -0.44 6.16 -1.70
N TYR B 77 -1.33 7.15 -1.69
CA TYR B 77 -2.48 7.15 -0.74
C TYR B 77 -3.80 6.52 -1.28
N VAL B 78 -3.86 6.09 -2.53
CA VAL B 78 -5.15 5.67 -3.06
C VAL B 78 -5.51 4.24 -2.59
N PRO B 79 -6.82 3.92 -2.53
CA PRO B 79 -7.24 2.58 -2.15
C PRO B 79 -6.73 1.56 -3.16
N VAL B 80 -6.29 0.41 -2.64
CA VAL B 80 -5.86 -0.68 -3.50
C VAL B 80 -6.57 -1.96 -3.10
N VAL B 81 -7.02 -2.71 -4.11
CA VAL B 81 -7.62 -4.02 -3.89
C VAL B 81 -6.63 -5.07 -4.41
N HIS B 82 -6.27 -6.03 -3.57
CA HIS B 82 -5.36 -7.10 -3.93
C HIS B 82 -6.23 -8.34 -4.07
N SER B 83 -6.38 -8.85 -5.30
CA SER B 83 -7.28 -9.96 -5.52
C SER B 83 -6.52 -11.17 -6.09
N TRP B 84 -6.71 -12.33 -5.48
CA TRP B 84 -6.20 -13.56 -6.03
C TRP B 84 -6.73 -13.82 -7.44
N ARG B 85 -7.87 -13.22 -7.78
CA ARG B 85 -8.43 -13.39 -9.12
C ARG B 85 -7.57 -12.75 -10.19
N LEU B 86 -6.65 -11.85 -9.82
CA LEU B 86 -5.73 -11.24 -10.79
C LEU B 86 -4.38 -11.97 -10.85
N ASN B 87 -4.22 -13.01 -10.01
CA ASN B 87 -2.98 -13.81 -10.04
C ASN B 87 -2.70 -14.29 -11.44
N GLU B 88 -1.42 -14.44 -11.74
CA GLU B 88 -0.98 -15.15 -12.94
C GLU B 88 -1.67 -16.51 -13.06
N ARG B 89 -1.80 -16.99 -14.31
CA ARG B 89 -2.26 -18.34 -14.54
C ARG B 89 -1.47 -19.32 -13.65
N HIS B 90 -2.17 -20.29 -13.07
CA HIS B 90 -1.54 -21.36 -12.31
C HIS B 90 -0.97 -22.40 -13.28
N TYR B 91 0.34 -22.66 -13.20
CA TYR B 91 1.01 -23.60 -14.13
C TYR B 91 1.25 -25.00 -13.59
N GLY B 92 0.55 -25.33 -12.51
CA GLY B 92 0.61 -26.63 -11.89
C GLY B 92 2.04 -27.04 -11.60
N ALA B 93 2.35 -28.29 -11.95
CA ALA B 93 3.68 -28.86 -11.74
C ALA B 93 4.79 -28.25 -12.59
N LEU B 94 4.46 -27.42 -13.57
CA LEU B 94 5.51 -26.75 -14.37
C LEU B 94 6.16 -25.57 -13.63
N SER B 95 5.47 -25.06 -12.58
CA SER B 95 5.99 -23.94 -11.77
C SER B 95 7.40 -24.24 -11.34
N GLY B 96 8.35 -23.37 -11.67
CA GLY B 96 9.74 -23.59 -11.32
C GLY B 96 10.61 -24.18 -12.42
N LEU B 97 10.01 -24.74 -13.47
CA LEU B 97 10.81 -25.30 -14.55
C LEU B 97 11.10 -24.27 -15.61
N ASN B 98 12.30 -24.31 -16.19
CA ASN B 98 12.56 -23.53 -17.39
C ASN B 98 12.12 -24.28 -18.68
N LYS B 99 12.40 -23.72 -19.86
CA LYS B 99 11.91 -24.33 -21.11
C LYS B 99 12.59 -25.67 -21.38
N ALA B 100 13.91 -25.73 -21.14
CA ALA B 100 14.65 -26.97 -21.33
C ALA B 100 14.17 -28.05 -20.38
N GLU B 101 13.99 -27.69 -19.11
CA GLU B 101 13.56 -28.67 -18.11
C GLU B 101 12.15 -29.21 -18.43
N THR B 102 11.27 -28.33 -18.89
CA THR B 102 9.91 -28.72 -19.25
C THR B 102 9.92 -29.68 -20.45
N ALA B 103 10.69 -29.32 -21.47
CA ALA B 103 10.85 -30.17 -22.64
C ALA B 103 11.42 -31.54 -22.25
N ALA B 104 12.39 -31.55 -21.35
CA ALA B 104 13.02 -32.80 -20.91
C ALA B 104 12.06 -33.72 -20.15
N LYS B 105 11.25 -33.15 -19.27
CA LYS B 105 10.38 -33.96 -18.44
C LYS B 105 9.15 -34.42 -19.23
N TYR B 106 8.61 -33.56 -20.09
CA TYR B 106 7.30 -33.85 -20.73
C TYR B 106 7.36 -34.09 -22.23
N GLY B 107 8.47 -33.75 -22.86
CA GLY B 107 8.65 -33.98 -24.30
C GLY B 107 8.09 -32.80 -25.09
N ASP B 108 8.60 -32.61 -26.30
CA ASP B 108 8.26 -31.45 -27.10
C ASP B 108 6.82 -31.43 -27.55
N GLU B 109 6.28 -32.59 -27.92
CA GLU B 109 4.95 -32.63 -28.47
C GLU B 109 3.89 -32.21 -27.48
N GLN B 110 3.96 -32.77 -26.27
CA GLN B 110 3.03 -32.41 -25.20
C GLN B 110 3.16 -30.91 -24.83
N VAL B 111 4.38 -30.38 -24.84
CA VAL B 111 4.57 -28.94 -24.59
C VAL B 111 3.85 -28.13 -25.68
N LEU B 112 4.00 -28.53 -26.94
CA LEU B 112 3.33 -27.85 -28.05
C LEU B 112 1.81 -27.87 -27.90
N VAL B 113 1.24 -29.03 -27.54
CA VAL B 113 -0.19 -29.12 -27.27
C VAL B 113 -0.57 -28.16 -26.14
N TRP B 114 0.16 -28.18 -25.02
CA TRP B 114 -0.17 -27.29 -23.91
C TRP B 114 -0.12 -25.83 -24.35
N ARG B 115 0.96 -25.48 -25.06
CA ARG B 115 1.20 -24.10 -25.49
C ARG B 115 0.06 -23.60 -26.37
N ARG B 116 -0.48 -24.48 -27.19
CA ARG B 116 -1.51 -24.08 -28.13
C ARG B 116 -2.92 -24.22 -27.54
N SER B 117 -3.13 -25.16 -26.62
CA SER B 117 -4.49 -25.56 -26.21
C SER B 117 -5.09 -24.64 -25.14
N TYR B 118 -6.21 -24.03 -25.45
CA TYR B 118 -6.90 -23.13 -24.53
C TYR B 118 -7.46 -23.88 -23.31
N ASP B 119 -7.76 -25.17 -23.49
CA ASP B 119 -8.56 -25.87 -22.49
C ASP B 119 -7.93 -27.16 -21.93
N THR B 120 -6.65 -27.40 -22.23
CA THR B 120 -5.92 -28.52 -21.66
C THR B 120 -4.95 -28.01 -20.59
N PRO B 121 -5.16 -28.40 -19.33
CA PRO B 121 -4.25 -27.88 -18.31
C PRO B 121 -3.00 -28.75 -18.21
N PRO B 122 -1.86 -28.14 -17.81
CA PRO B 122 -0.62 -28.79 -17.42
C PRO B 122 -0.86 -29.71 -16.21
N PRO B 123 0.06 -30.66 -15.95
CA PRO B 123 -0.03 -31.58 -14.81
C PRO B 123 -0.27 -30.81 -13.50
N ALA B 124 -1.13 -31.35 -12.64
CA ALA B 124 -1.51 -30.64 -11.42
C ALA B 124 -0.48 -30.83 -10.31
N LEU B 125 -0.35 -29.85 -9.44
CA LEU B 125 0.27 -30.09 -8.14
C LEU B 125 -0.50 -31.16 -7.37
N GLU B 126 0.24 -31.99 -6.62
CA GLU B 126 -0.36 -32.81 -5.57
C GLU B 126 -0.88 -31.86 -4.48
N PRO B 127 -2.04 -32.19 -3.86
CA PRO B 127 -2.61 -31.31 -2.84
C PRO B 127 -1.66 -31.04 -1.66
N GLY B 128 -0.77 -32.00 -1.37
CA GLY B 128 0.23 -31.86 -0.30
C GLY B 128 1.56 -31.25 -0.71
N ASP B 129 1.73 -30.92 -1.99
CA ASP B 129 2.97 -30.30 -2.49
C ASP B 129 3.20 -28.97 -1.76
N GLU B 130 4.47 -28.62 -1.55
CA GLU B 130 4.84 -27.36 -0.87
C GLU B 130 4.28 -26.16 -1.62
N ARG B 131 4.21 -26.28 -2.95
CA ARG B 131 3.74 -25.21 -3.80
C ARG B 131 2.22 -25.05 -3.82
N ALA B 132 1.46 -25.96 -3.19
CA ALA B 132 -0.03 -25.88 -3.21
C ALA B 132 -0.52 -24.66 -2.42
N PRO B 133 -1.70 -24.12 -2.75
CA PRO B 133 -2.05 -22.84 -2.13
C PRO B 133 -2.74 -22.92 -0.76
N TYR B 134 -3.08 -24.14 -0.32
CA TYR B 134 -4.04 -24.33 0.77
C TYR B 134 -3.60 -23.76 2.11
N ALA B 135 -2.30 -23.80 2.39
CA ALA B 135 -1.83 -23.29 3.69
C ALA B 135 -1.48 -21.80 3.64
N ASP B 136 -1.45 -21.23 2.43
CA ASP B 136 -1.00 -19.83 2.22
C ASP B 136 -1.98 -18.80 2.80
N PRO B 137 -1.48 -17.90 3.66
CA PRO B 137 -2.38 -16.91 4.27
C PRO B 137 -3.06 -15.98 3.25
N ARG B 138 -2.52 -15.84 2.05
CA ARG B 138 -3.15 -15.04 0.98
C ARG B 138 -4.53 -15.58 0.62
N TYR B 139 -4.73 -16.89 0.76
CA TYR B 139 -5.97 -17.54 0.31
C TYR B 139 -6.87 -18.06 1.44
N ALA B 140 -6.62 -17.59 2.66
CA ALA B 140 -7.33 -18.07 3.85
C ALA B 140 -8.85 -17.95 3.76
N LYS B 141 -9.37 -16.95 3.06
CA LYS B 141 -10.82 -16.78 3.03
C LYS B 141 -11.46 -17.27 1.75
N VAL B 142 -10.63 -17.77 0.84
CA VAL B 142 -11.07 -18.31 -0.44
C VAL B 142 -11.57 -19.74 -0.24
N PRO B 143 -12.82 -20.03 -0.66
CA PRO B 143 -13.32 -21.40 -0.57
C PRO B 143 -12.31 -22.37 -1.19
N ARG B 144 -11.93 -23.37 -0.41
CA ARG B 144 -10.90 -24.32 -0.79
C ARG B 144 -11.05 -24.89 -2.22
N GLU B 145 -12.30 -25.14 -2.61
CA GLU B 145 -12.60 -25.75 -3.92
C GLU B 145 -12.34 -24.81 -5.09
N GLN B 146 -12.20 -23.52 -4.81
CA GLN B 146 -11.86 -22.54 -5.85
C GLN B 146 -10.38 -22.35 -6.10
N LEU B 147 -9.55 -22.94 -5.25
CA LEU B 147 -8.11 -22.78 -5.37
C LEU B 147 -7.57 -23.80 -6.36
N PRO B 148 -6.89 -23.33 -7.42
CA PRO B 148 -6.43 -24.26 -8.47
C PRO B 148 -5.12 -24.97 -8.08
N LEU B 149 -4.95 -26.21 -8.49
CA LEU B 149 -3.65 -26.90 -8.46
C LEU B 149 -2.98 -26.89 -9.83
N THR B 150 -3.72 -26.37 -10.80
CA THR B 150 -3.29 -26.21 -12.17
C THR B 150 -4.39 -25.45 -12.90
N GLU B 151 -4.05 -24.80 -14.00
CA GLU B 151 -5.03 -24.10 -14.82
C GLU B 151 -4.67 -24.18 -16.27
N CYS B 152 -5.65 -24.43 -17.14
CA CYS B 152 -5.51 -24.07 -18.54
C CYS B 152 -5.96 -22.60 -18.65
N LEU B 153 -5.69 -21.95 -19.78
CA LEU B 153 -6.00 -20.55 -19.87
C LEU B 153 -7.52 -20.32 -19.73
N LYS B 154 -8.32 -21.31 -20.14
CA LYS B 154 -9.77 -21.23 -19.96
C LYS B 154 -10.18 -21.05 -18.49
N ASP B 155 -9.56 -21.83 -17.60
CA ASP B 155 -9.72 -21.69 -16.14
C ASP B 155 -9.32 -20.29 -15.68
N THR B 156 -8.18 -19.79 -16.15
CA THR B 156 -7.68 -18.50 -15.69
C THR B 156 -8.73 -17.44 -16.07
N VAL B 157 -9.18 -17.49 -17.32
CA VAL B 157 -10.14 -16.52 -17.78
C VAL B 157 -11.41 -16.58 -16.90
N ALA B 158 -11.87 -17.79 -16.59
CA ALA B 158 -13.11 -17.95 -15.85
C ALA B 158 -13.02 -17.38 -14.45
N ARG B 159 -11.84 -17.45 -13.84
CA ARG B 159 -11.75 -16.88 -12.52
C ARG B 159 -11.27 -15.42 -12.47
N VAL B 160 -10.72 -14.89 -13.56
CA VAL B 160 -10.45 -13.42 -13.66
C VAL B 160 -11.73 -12.60 -13.90
N LEU B 161 -12.55 -13.07 -14.82
CA LEU B 161 -13.65 -12.26 -15.31
C LEU B 161 -14.73 -11.84 -14.30
N PRO B 162 -15.00 -12.64 -13.26
CA PRO B 162 -15.97 -12.15 -12.27
C PRO B 162 -15.61 -10.77 -11.72
N LEU B 163 -14.32 -10.46 -11.69
CA LEU B 163 -13.88 -9.15 -11.17
C LEU B 163 -14.39 -7.98 -12.07
N TRP B 164 -14.64 -8.26 -13.35
CA TRP B 164 -15.18 -7.25 -14.26
C TRP B 164 -16.53 -6.69 -13.83
N ASN B 165 -17.53 -7.57 -13.65
CA ASN B 165 -18.85 -7.09 -13.23
C ASN B 165 -18.90 -6.75 -11.78
N GLU B 166 -18.15 -7.47 -10.95
CA GLU B 166 -18.17 -7.19 -9.52
C GLU B 166 -17.57 -5.84 -9.16
N SER B 167 -16.48 -5.47 -9.85
CA SER B 167 -15.61 -4.38 -9.37
C SER B 167 -15.16 -3.38 -10.43
N ILE B 168 -14.58 -3.86 -11.53
CA ILE B 168 -13.91 -2.95 -12.43
C ILE B 168 -14.91 -2.14 -13.23
N ALA B 169 -15.87 -2.80 -13.87
CA ALA B 169 -16.88 -2.09 -14.65
C ALA B 169 -17.70 -1.10 -13.82
N PRO B 170 -18.22 -1.52 -12.65
CA PRO B 170 -18.94 -0.49 -11.89
C PRO B 170 -18.02 0.68 -11.50
N ALA B 171 -16.76 0.41 -11.17
CA ALA B 171 -15.89 1.54 -10.85
C ALA B 171 -15.70 2.47 -12.04
N VAL B 172 -15.46 1.88 -13.22
CA VAL B 172 -15.28 2.68 -14.42
C VAL B 172 -16.53 3.52 -14.71
N LYS B 173 -17.72 2.89 -14.64
CA LYS B 173 -18.97 3.56 -14.93
C LYS B 173 -19.22 4.66 -13.91
N ALA B 174 -18.73 4.47 -12.69
CA ALA B 174 -18.91 5.45 -11.64
C ALA B 174 -18.03 6.69 -11.82
N GLY B 175 -17.19 6.70 -12.86
CA GLY B 175 -16.24 7.80 -13.06
C GLY B 175 -14.88 7.66 -12.36
N LYS B 176 -14.60 6.48 -11.79
CA LYS B 176 -13.28 6.24 -11.19
C LYS B 176 -12.22 6.02 -12.26
N GLN B 177 -11.04 6.60 -12.03
CA GLN B 177 -9.90 6.36 -12.88
CA GLN B 177 -9.88 6.36 -12.87
C GLN B 177 -9.15 5.14 -12.32
N VAL B 178 -9.27 4.01 -13.03
CA VAL B 178 -8.81 2.70 -12.55
C VAL B 178 -7.49 2.26 -13.19
N LEU B 179 -6.57 1.77 -12.35
CA LEU B 179 -5.38 1.11 -12.82
C LEU B 179 -5.42 -0.38 -12.41
N ILE B 180 -5.03 -1.27 -13.33
CA ILE B 180 -4.94 -2.68 -13.03
C ILE B 180 -3.49 -3.12 -13.26
N ALA B 181 -2.81 -3.50 -12.19
CA ALA B 181 -1.41 -3.88 -12.28
C ALA B 181 -1.35 -5.37 -11.99
N ALA B 182 -1.07 -6.16 -13.02
CA ALA B 182 -1.27 -7.61 -12.90
C ALA B 182 -0.25 -8.39 -13.72
N HIS B 183 -0.69 -9.48 -14.34
CA HIS B 183 0.19 -10.49 -14.92
C HIS B 183 -0.20 -10.80 -16.35
N GLY B 184 0.73 -11.35 -17.14
CA GLY B 184 0.47 -11.65 -18.54
C GLY B 184 -0.90 -12.28 -18.78
N ASN B 185 -1.18 -13.41 -18.11
CA ASN B 185 -2.43 -14.13 -18.39
C ASN B 185 -3.69 -13.58 -17.78
N SER B 186 -3.59 -12.90 -16.64
CA SER B 186 -4.78 -12.25 -16.13
C SER B 186 -5.13 -11.02 -16.94
N LEU B 187 -4.12 -10.30 -17.43
CA LEU B 187 -4.36 -9.22 -18.38
C LEU B 187 -4.93 -9.75 -19.73
N ARG B 188 -4.43 -10.88 -20.23
CA ARG B 188 -5.04 -11.54 -21.40
C ARG B 188 -6.52 -11.80 -21.23
N ALA B 189 -6.91 -12.27 -20.04
CA ALA B 189 -8.31 -12.55 -19.75
C ALA B 189 -9.15 -11.30 -19.95
N LEU B 190 -8.73 -10.18 -19.35
CA LEU B 190 -9.49 -8.94 -19.50
C LEU B 190 -9.58 -8.47 -20.97
N ILE B 191 -8.43 -8.51 -21.65
CA ILE B 191 -8.32 -8.10 -23.03
C ILE B 191 -9.16 -9.04 -23.92
N LYS B 192 -9.12 -10.34 -23.63
CA LYS B 192 -9.97 -11.32 -24.34
C LYS B 192 -11.45 -10.91 -24.32
N TYR B 193 -11.95 -10.57 -23.13
CA TYR B 193 -13.30 -10.10 -22.96
C TYR B 193 -13.49 -8.72 -23.62
N LEU B 194 -12.61 -7.77 -23.34
CA LEU B 194 -12.76 -6.42 -23.86
C LEU B 194 -12.82 -6.37 -25.39
N ASP B 195 -11.89 -7.04 -26.06
CA ASP B 195 -11.78 -6.98 -27.52
C ASP B 195 -12.45 -8.17 -28.23
N GLY B 196 -13.19 -8.98 -27.48
CA GLY B 196 -13.85 -10.14 -28.02
C GLY B 196 -12.91 -11.08 -28.78
N ILE B 197 -11.70 -11.30 -28.26
CA ILE B 197 -10.72 -12.18 -28.91
C ILE B 197 -11.09 -13.66 -28.79
N SER B 198 -10.82 -14.44 -29.83
CA SER B 198 -11.14 -15.87 -29.80
C SER B 198 -10.19 -16.66 -28.90
N ASP B 199 -10.64 -17.85 -28.53
CA ASP B 199 -9.85 -18.81 -27.78
C ASP B 199 -8.51 -19.05 -28.46
N ALA B 200 -8.55 -19.20 -29.78
CA ALA B 200 -7.34 -19.54 -30.54
C ALA B 200 -6.35 -18.38 -30.60
N ASP B 201 -6.85 -17.14 -30.70
CA ASP B 201 -5.97 -15.98 -30.89
C ASP B 201 -5.40 -15.44 -29.60
N ILE B 202 -6.09 -15.63 -28.48
CA ILE B 202 -5.66 -15.04 -27.21
C ILE B 202 -4.38 -15.67 -26.71
N VAL B 203 -4.20 -16.94 -27.05
CA VAL B 203 -3.02 -17.71 -26.68
C VAL B 203 -1.73 -17.01 -27.13
N GLY B 204 -1.76 -16.35 -28.29
CA GLY B 204 -0.56 -15.73 -28.87
C GLY B 204 -0.30 -14.26 -28.55
N LEU B 205 -1.19 -13.62 -27.78
CA LEU B 205 -1.08 -12.20 -27.49
C LEU B 205 0.09 -11.87 -26.53
N ASN B 206 1.05 -11.08 -27.03
CA ASN B 206 2.21 -10.69 -26.24
C ASN B 206 1.95 -9.39 -25.52
N ILE B 207 2.29 -9.36 -24.23
CA ILE B 207 2.13 -8.17 -23.42
C ILE B 207 3.47 -7.96 -22.74
N PRO B 208 4.12 -6.83 -23.03
CA PRO B 208 5.49 -6.63 -22.49
C PRO B 208 5.46 -6.25 -21.01
N ASN B 209 6.52 -6.58 -20.27
CA ASN B 209 6.69 -6.13 -18.88
C ASN B 209 6.68 -4.61 -18.74
N GLY B 210 5.88 -4.10 -17.82
CA GLY B 210 6.04 -2.73 -17.36
C GLY B 210 5.77 -1.61 -18.35
N VAL B 211 4.84 -1.84 -19.26
CA VAL B 211 4.45 -0.84 -20.25
C VAL B 211 2.95 -0.54 -20.11
N PRO B 212 2.61 0.73 -19.80
CA PRO B 212 1.22 1.04 -19.61
C PRO B 212 0.40 0.78 -20.89
N LEU B 213 -0.74 0.11 -20.71
CA LEU B 213 -1.63 -0.20 -21.79
C LEU B 213 -2.96 0.47 -21.52
N VAL B 214 -3.33 1.40 -22.40
CA VAL B 214 -4.48 2.27 -22.20
C VAL B 214 -5.63 1.84 -23.09
N TYR B 215 -6.79 1.56 -22.50
CA TYR B 215 -8.03 1.29 -23.23
C TYR B 215 -8.94 2.49 -23.13
N GLU B 216 -9.41 2.97 -24.27
CA GLU B 216 -10.46 3.98 -24.33
C GLU B 216 -11.79 3.28 -24.56
N LEU B 217 -12.75 3.51 -23.67
CA LEU B 217 -14.03 2.79 -23.73
C LEU B 217 -15.20 3.73 -23.93
N ASP B 218 -16.23 3.30 -24.67
CA ASP B 218 -17.44 4.11 -24.85
C ASP B 218 -18.39 3.96 -23.64
N GLU B 219 -19.54 4.60 -23.73
CA GLU B 219 -20.54 4.58 -22.64
C GLU B 219 -20.89 3.17 -22.19
N SER B 220 -20.84 2.22 -23.12
CA SER B 220 -21.22 0.84 -22.83
C SER B 220 -20.01 0.00 -22.41
N LEU B 221 -18.87 0.66 -22.23
CA LEU B 221 -17.61 0.01 -21.87
C LEU B 221 -17.00 -0.83 -23.00
N THR B 222 -17.45 -0.58 -24.23
CA THR B 222 -16.87 -1.23 -25.41
C THR B 222 -15.65 -0.42 -25.88
N PRO B 223 -14.53 -1.10 -26.16
CA PRO B 223 -13.33 -0.38 -26.61
C PRO B 223 -13.52 0.46 -27.88
N ILE B 224 -13.06 1.70 -27.86
CA ILE B 224 -12.92 2.51 -29.05
C ILE B 224 -11.55 2.22 -29.68
N ARG B 225 -10.50 2.19 -28.85
CA ARG B 225 -9.14 1.89 -29.28
CA ARG B 225 -9.14 1.91 -29.28
C ARG B 225 -8.28 1.59 -28.05
N HIS B 226 -7.10 1.03 -28.26
CA HIS B 226 -6.15 0.83 -27.18
C HIS B 226 -4.76 1.15 -27.69
N TYR B 227 -3.85 1.51 -26.79
CA TYR B 227 -2.48 1.83 -27.16
C TYR B 227 -1.58 1.70 -25.94
N TYR B 228 -0.32 1.42 -26.21
CA TYR B 228 0.71 1.42 -25.19
C TYR B 228 1.31 2.81 -25.13
N LEU B 229 1.67 3.26 -23.92
CA LEU B 229 2.44 4.49 -23.75
C LEU B 229 3.94 4.23 -23.95
N GLY B 230 4.66 5.27 -24.37
CA GLY B 230 6.13 5.21 -24.45
C GLY B 230 6.58 4.50 -25.70
#